data_2MD6
#
_entry.id   2MD6
#
_entity_poly.entity_id   1
_entity_poly.type   'polypeptide(L)'
_entity_poly.pdbx_seq_one_letter_code
;EGCCSNPACRTNHPEVCD
;
_entity_poly.pdbx_strand_id   A
#
# COMPACT_ATOMS: atom_id res chain seq x y z
N GLU A 1 5.14 -5.40 -5.54
CA GLU A 1 5.08 -3.94 -5.32
C GLU A 1 5.68 -3.55 -4.01
N GLY A 2 5.52 -2.29 -3.54
CA GLY A 2 6.25 -1.85 -2.40
C GLY A 2 5.45 -1.42 -1.23
N CYS A 3 4.12 -1.17 -1.29
CA CYS A 3 3.45 -0.85 -0.07
C CYS A 3 2.33 -1.78 0.26
N CYS A 4 2.06 -2.78 -0.60
CA CYS A 4 0.99 -3.71 -0.38
C CYS A 4 1.44 -4.86 0.47
N SER A 5 1.66 -4.62 1.78
CA SER A 5 1.97 -5.64 2.73
C SER A 5 1.95 -5.09 4.11
N ASN A 6 2.69 -4.00 4.38
CA ASN A 6 2.63 -3.23 5.57
C ASN A 6 1.33 -2.50 5.63
N PRO A 7 0.35 -2.68 6.45
CA PRO A 7 -0.98 -2.23 6.15
C PRO A 7 -1.19 -0.76 6.21
N ALA A 8 -0.16 0.02 6.56
CA ALA A 8 -0.22 1.41 6.89
C ALA A 8 0.30 2.29 5.81
N CYS A 9 1.26 1.84 4.98
CA CYS A 9 1.62 2.55 3.79
C CYS A 9 0.55 2.35 2.78
N ARG A 10 -0.07 1.15 2.78
CA ARG A 10 -1.12 0.76 1.89
C ARG A 10 -2.30 1.65 2.04
N THR A 11 -2.88 1.74 3.25
CA THR A 11 -4.09 2.45 3.57
C THR A 11 -4.03 3.93 3.40
N ASN A 12 -2.82 4.44 3.08
CA ASN A 12 -2.55 5.83 2.91
C ASN A 12 -2.83 6.19 1.49
N HIS A 13 -2.74 5.24 0.54
CA HIS A 13 -2.54 5.59 -0.83
C HIS A 13 -2.70 4.38 -1.71
N PRO A 14 -3.65 3.51 -1.61
CA PRO A 14 -3.39 2.14 -1.96
C PRO A 14 -3.35 1.84 -3.42
N GLU A 15 -3.73 2.77 -4.31
CA GLU A 15 -3.84 2.57 -5.71
C GLU A 15 -2.53 2.43 -6.38
N VAL A 16 -1.42 2.74 -5.69
CA VAL A 16 -0.08 2.58 -6.17
C VAL A 16 0.44 1.22 -5.89
N CYS A 17 -0.39 0.30 -5.37
CA CYS A 17 -0.01 -1.08 -5.27
C CYS A 17 -1.09 -2.04 -5.64
N ASP A 18 -2.31 -2.03 -5.07
CA ASP A 18 -3.33 -2.97 -5.41
C ASP A 18 -3.78 -2.87 -6.86
N GLU A 1 6.04 -2.00 -5.04
CA GLU A 1 7.30 -2.43 -4.41
C GLU A 1 7.08 -3.07 -3.09
N GLY A 2 7.02 -2.30 -1.98
CA GLY A 2 6.88 -2.87 -0.68
C GLY A 2 5.65 -2.42 0.01
N CYS A 3 4.76 -1.59 -0.57
CA CYS A 3 3.65 -1.13 0.19
C CYS A 3 2.44 -1.99 0.05
N CYS A 4 2.44 -2.97 -0.87
CA CYS A 4 1.25 -3.64 -1.29
C CYS A 4 0.99 -4.84 -0.44
N SER A 5 1.13 -4.71 0.89
CA SER A 5 1.20 -5.82 1.79
C SER A 5 1.17 -5.30 3.18
N ASN A 6 2.09 -4.39 3.54
CA ASN A 6 2.14 -3.66 4.77
C ASN A 6 0.93 -2.81 4.92
N PRO A 7 0.04 -2.86 5.87
CA PRO A 7 -1.19 -2.14 5.76
C PRO A 7 -1.13 -0.65 5.68
N ALA A 8 0.01 -0.07 6.12
CA ALA A 8 0.18 1.28 6.53
C ALA A 8 0.65 2.16 5.44
N CYS A 9 1.45 1.66 4.48
CA CYS A 9 1.76 2.38 3.30
C CYS A 9 0.65 2.19 2.32
N ARG A 10 0.03 1.00 2.26
CA ARG A 10 -1.14 0.71 1.50
C ARG A 10 -2.23 1.71 1.73
N THR A 11 -2.77 1.84 2.96
CA THR A 11 -3.88 2.67 3.31
C THR A 11 -3.75 4.12 3.04
N ASN A 12 -2.52 4.57 2.75
CA ASN A 12 -2.19 5.94 2.53
C ASN A 12 -2.15 6.26 1.07
N HIS A 13 -2.05 5.27 0.18
CA HIS A 13 -1.99 5.54 -1.23
C HIS A 13 -2.52 4.36 -1.97
N PRO A 14 -3.64 3.76 -1.71
CA PRO A 14 -3.75 2.35 -1.95
C PRO A 14 -3.89 1.95 -3.39
N GLU A 15 -4.38 2.84 -4.25
CA GLU A 15 -4.69 2.60 -5.63
C GLU A 15 -3.52 2.16 -6.43
N VAL A 16 -2.29 2.52 -6.02
CA VAL A 16 -1.09 2.12 -6.70
C VAL A 16 -0.70 0.73 -6.33
N CYS A 17 -0.99 0.30 -5.09
CA CYS A 17 -0.43 -0.90 -4.54
C CYS A 17 -1.39 -2.03 -4.44
N ASP A 18 -2.52 -1.98 -3.72
CA ASP A 18 -3.31 -3.13 -3.48
C ASP A 18 -4.70 -2.66 -3.08
N GLU A 1 5.24 -2.45 -6.83
CA GLU A 1 4.32 -2.93 -5.78
C GLU A 1 5.00 -3.07 -4.46
N GLY A 2 5.15 -1.98 -3.69
CA GLY A 2 5.97 -2.02 -2.51
C GLY A 2 5.25 -1.66 -1.26
N CYS A 3 3.96 -1.30 -1.24
CA CYS A 3 3.36 -0.98 0.01
C CYS A 3 2.22 -1.87 0.36
N CYS A 4 1.92 -2.90 -0.46
CA CYS A 4 0.88 -3.84 -0.18
C CYS A 4 1.46 -4.94 0.65
N SER A 5 1.74 -4.64 1.93
CA SER A 5 2.24 -5.58 2.87
C SER A 5 1.99 -5.07 4.26
N ASN A 6 2.57 -3.91 4.61
CA ASN A 6 2.37 -3.26 5.88
C ASN A 6 1.08 -2.54 5.84
N PRO A 7 0.10 -2.63 6.70
CA PRO A 7 -1.17 -2.00 6.46
C PRO A 7 -1.22 -0.51 6.30
N ALA A 8 -0.16 0.20 6.73
CA ALA A 8 -0.17 1.61 6.93
C ALA A 8 0.30 2.40 5.75
N CYS A 9 1.31 1.95 4.98
CA CYS A 9 1.63 2.59 3.74
C CYS A 9 0.57 2.28 2.74
N ARG A 10 -0.03 1.08 2.86
CA ARG A 10 -1.03 0.57 1.99
C ARG A 10 -2.28 1.37 2.01
N THR A 11 -2.98 1.48 3.16
CA THR A 11 -4.25 2.13 3.31
C THR A 11 -4.26 3.59 3.01
N ASN A 12 -3.04 4.17 2.90
CA ASN A 12 -2.83 5.58 2.78
C ASN A 12 -2.49 5.97 1.38
N HIS A 13 -2.13 5.02 0.49
CA HIS A 13 -1.92 5.33 -0.88
C HIS A 13 -2.16 4.08 -1.65
N PRO A 14 -3.27 3.39 -1.70
CA PRO A 14 -3.17 2.00 -2.06
C PRO A 14 -3.09 1.76 -3.52
N GLU A 15 -3.21 2.80 -4.37
CA GLU A 15 -3.36 2.72 -5.79
C GLU A 15 -2.12 2.26 -6.48
N VAL A 16 -0.94 2.37 -5.83
CA VAL A 16 0.31 2.00 -6.39
C VAL A 16 0.70 0.65 -5.90
N CYS A 17 -0.25 -0.10 -5.33
CA CYS A 17 -0.08 -1.50 -5.09
C CYS A 17 -1.26 -2.40 -5.27
N ASP A 18 -2.50 -2.09 -4.84
CA ASP A 18 -3.67 -2.79 -5.25
C ASP A 18 -4.52 -1.79 -6.03
N GLU A 1 6.57 -4.00 -4.71
CA GLU A 1 6.89 -4.80 -3.51
C GLU A 1 7.35 -4.05 -2.31
N GLY A 2 6.93 -2.78 -2.14
CA GLY A 2 7.16 -2.10 -0.90
C GLY A 2 5.88 -1.63 -0.27
N CYS A 3 4.73 -1.54 -0.95
CA CYS A 3 3.60 -0.94 -0.31
C CYS A 3 2.40 -1.81 -0.22
N CYS A 4 2.24 -2.85 -1.05
CA CYS A 4 1.02 -3.58 -1.16
C CYS A 4 0.94 -4.70 -0.18
N SER A 5 1.16 -4.44 1.12
CA SER A 5 1.32 -5.52 2.05
C SER A 5 1.32 -5.04 3.46
N ASN A 6 2.19 -4.09 3.82
CA ASN A 6 2.19 -3.45 5.10
C ASN A 6 0.93 -2.68 5.25
N PRO A 7 0.05 -2.76 6.22
CA PRO A 7 -1.18 -2.04 6.14
C PRO A 7 -1.10 -0.57 6.30
N ALA A 8 0.09 0.04 6.34
CA ALA A 8 0.31 1.43 6.59
C ALA A 8 0.72 2.18 5.36
N CYS A 9 1.60 1.66 4.49
CA CYS A 9 1.86 2.29 3.24
C CYS A 9 0.70 2.07 2.32
N ARG A 10 0.06 0.89 2.41
CA ARG A 10 -1.06 0.56 1.58
C ARG A 10 -2.19 1.50 1.80
N THR A 11 -2.77 1.62 3.01
CA THR A 11 -3.91 2.42 3.30
C THR A 11 -3.77 3.88 3.09
N ASN A 12 -2.52 4.33 2.87
CA ASN A 12 -2.17 5.71 2.71
C ASN A 12 -2.12 6.10 1.27
N HIS A 13 -2.04 5.14 0.32
CA HIS A 13 -2.08 5.43 -1.07
C HIS A 13 -2.60 4.24 -1.81
N PRO A 14 -3.68 3.59 -1.51
CA PRO A 14 -3.75 2.18 -1.78
C PRO A 14 -4.03 1.85 -3.21
N GLU A 15 -4.59 2.82 -3.97
CA GLU A 15 -5.15 2.62 -5.27
C GLU A 15 -4.08 2.57 -6.30
N VAL A 16 -2.87 3.09 -5.99
CA VAL A 16 -1.70 2.92 -6.80
C VAL A 16 -1.09 1.57 -6.66
N CYS A 17 -1.09 0.99 -5.43
CA CYS A 17 -0.46 -0.27 -5.19
C CYS A 17 -1.34 -1.42 -5.51
N ASP A 18 -2.58 -1.52 -4.97
CA ASP A 18 -3.40 -2.68 -4.98
C ASP A 18 -2.77 -3.83 -4.18
N GLU A 1 4.43 -2.96 -5.45
CA GLU A 1 5.78 -3.42 -5.06
C GLU A 1 5.92 -3.63 -3.59
N GLY A 2 6.16 -2.56 -2.81
CA GLY A 2 6.41 -2.72 -1.41
C GLY A 2 5.46 -1.96 -0.56
N CYS A 3 4.33 -1.41 -1.05
CA CYS A 3 3.42 -0.79 -0.13
C CYS A 3 2.17 -1.58 0.03
N CYS A 4 2.01 -2.71 -0.70
CA CYS A 4 0.98 -3.65 -0.42
C CYS A 4 1.59 -4.77 0.36
N SER A 5 1.94 -4.51 1.63
CA SER A 5 2.53 -5.51 2.47
C SER A 5 2.35 -5.16 3.92
N ASN A 6 2.84 -4.00 4.39
CA ASN A 6 2.58 -3.51 5.70
C ASN A 6 1.26 -2.82 5.63
N PRO A 7 0.17 -3.11 6.31
CA PRO A 7 -1.06 -2.42 6.07
C PRO A 7 -1.17 -1.07 6.70
N ALA A 8 -0.12 -0.25 6.54
CA ALA A 8 -0.04 1.14 6.85
C ALA A 8 0.28 1.98 5.65
N CYS A 9 1.22 1.61 4.77
CA CYS A 9 1.53 2.36 3.60
C CYS A 9 0.46 2.24 2.58
N ARG A 10 -0.20 1.07 2.52
CA ARG A 10 -1.29 0.79 1.64
C ARG A 10 -2.39 1.77 1.85
N THR A 11 -2.89 1.85 3.11
CA THR A 11 -3.99 2.58 3.64
C THR A 11 -3.95 4.06 3.47
N ASN A 12 -2.87 4.59 2.87
CA ASN A 12 -2.68 5.98 2.61
C ASN A 12 -2.68 6.30 1.16
N HIS A 13 -2.45 5.33 0.25
CA HIS A 13 -2.27 5.64 -1.14
C HIS A 13 -2.51 4.42 -1.96
N PRO A 14 -3.52 3.61 -1.83
CA PRO A 14 -3.36 2.21 -2.11
C PRO A 14 -3.31 1.84 -3.55
N GLU A 15 -3.78 2.71 -4.47
CA GLU A 15 -4.01 2.44 -5.85
C GLU A 15 -2.75 2.23 -6.61
N VAL A 16 -1.60 2.58 -6.03
CA VAL A 16 -0.29 2.37 -6.58
C VAL A 16 0.16 0.96 -6.44
N CYS A 17 -0.40 0.19 -5.50
CA CYS A 17 -0.12 -1.20 -5.35
C CYS A 17 -1.30 -2.05 -5.60
N ASP A 18 -2.46 -1.90 -4.91
CA ASP A 18 -3.70 -2.55 -5.19
C ASP A 18 -4.72 -2.04 -4.18
N GLU A 1 5.16 -2.49 -6.94
CA GLU A 1 4.35 -2.70 -5.73
C GLU A 1 5.20 -2.91 -4.53
N GLY A 2 5.30 -1.91 -3.63
CA GLY A 2 6.09 -2.04 -2.44
C GLY A 2 5.31 -1.84 -1.18
N CYS A 3 4.02 -1.46 -1.18
CA CYS A 3 3.40 -1.14 0.06
C CYS A 3 2.21 -1.99 0.33
N CYS A 4 1.84 -2.93 -0.54
CA CYS A 4 0.70 -3.79 -0.36
C CYS A 4 1.05 -4.97 0.49
N SER A 5 1.17 -4.72 1.80
CA SER A 5 1.51 -5.71 2.77
C SER A 5 1.39 -5.12 4.14
N ASN A 6 2.12 -4.03 4.41
CA ASN A 6 2.18 -3.37 5.68
C ASN A 6 0.99 -2.51 5.85
N PRO A 7 0.02 -2.64 6.71
CA PRO A 7 -1.16 -1.82 6.66
C PRO A 7 -1.01 -0.47 7.27
N ALA A 8 0.14 0.19 7.02
CA ALA A 8 0.47 1.55 7.31
C ALA A 8 0.83 2.34 6.10
N CYS A 9 1.57 1.80 5.13
CA CYS A 9 1.90 2.50 3.92
C CYS A 9 0.80 2.34 2.93
N ARG A 10 0.16 1.14 2.88
CA ARG A 10 -0.81 0.78 1.90
C ARG A 10 -2.01 1.66 1.96
N THR A 11 -2.64 1.72 3.14
CA THR A 11 -3.94 2.24 3.47
C THR A 11 -4.18 3.64 3.04
N ASN A 12 -3.10 4.42 2.82
CA ASN A 12 -3.14 5.83 2.60
C ASN A 12 -2.89 6.16 1.17
N HIS A 13 -2.45 5.20 0.34
CA HIS A 13 -2.20 5.45 -1.05
C HIS A 13 -2.38 4.20 -1.82
N PRO A 14 -3.42 3.40 -1.71
CA PRO A 14 -3.26 2.00 -1.93
C PRO A 14 -3.19 1.60 -3.36
N GLU A 15 -3.48 2.50 -4.32
CA GLU A 15 -3.63 2.18 -5.71
C GLU A 15 -2.32 2.10 -6.41
N VAL A 16 -1.22 2.45 -5.71
CA VAL A 16 0.11 2.33 -6.19
C VAL A 16 0.65 0.97 -5.91
N CYS A 17 -0.19 0.08 -5.36
CA CYS A 17 0.13 -1.31 -5.21
C CYS A 17 -0.97 -2.28 -5.47
N ASP A 18 -2.24 -2.06 -5.06
CA ASP A 18 -3.36 -2.86 -5.41
C ASP A 18 -3.50 -3.13 -6.90
N GLU A 1 4.86 -2.84 -6.32
CA GLU A 1 5.79 -2.06 -5.47
C GLU A 1 5.94 -2.62 -4.10
N GLY A 2 6.17 -1.80 -3.06
CA GLY A 2 6.46 -2.30 -1.77
C GLY A 2 5.48 -1.83 -0.74
N CYS A 3 4.33 -1.24 -1.08
CA CYS A 3 3.47 -0.73 -0.05
C CYS A 3 2.12 -1.35 -0.15
N CYS A 4 2.04 -2.58 -0.66
CA CYS A 4 0.91 -3.46 -0.59
C CYS A 4 1.37 -4.68 0.13
N SER A 5 1.34 -4.64 1.47
CA SER A 5 1.93 -5.66 2.29
C SER A 5 1.50 -5.53 3.72
N ASN A 6 1.85 -4.43 4.40
CA ASN A 6 1.51 -4.19 5.77
C ASN A 6 0.46 -3.12 5.73
N PRO A 7 -0.60 -3.04 6.48
CA PRO A 7 -1.66 -2.12 6.17
C PRO A 7 -1.39 -0.69 6.46
N ALA A 8 -0.13 -0.30 6.71
CA ALA A 8 0.28 1.00 7.15
C ALA A 8 0.81 1.85 6.05
N CYS A 9 1.60 1.33 5.09
CA CYS A 9 2.05 2.13 3.99
C CYS A 9 0.99 2.18 2.94
N ARG A 10 0.18 1.12 2.83
CA ARG A 10 -0.87 0.97 1.86
C ARG A 10 -1.92 2.01 1.97
N THR A 11 -2.41 2.30 3.19
CA THR A 11 -3.58 3.06 3.50
C THR A 11 -3.58 4.46 3.00
N ASN A 12 -2.39 4.95 2.58
CA ASN A 12 -2.17 6.31 2.20
C ASN A 12 -2.24 6.46 0.72
N HIS A 13 -2.14 5.34 -0.05
CA HIS A 13 -2.31 5.35 -1.46
C HIS A 13 -2.69 3.99 -1.94
N PRO A 14 -3.79 3.35 -1.69
CA PRO A 14 -3.82 1.92 -1.86
C PRO A 14 -3.74 1.47 -3.28
N GLU A 15 -4.09 2.32 -4.25
CA GLU A 15 -4.26 1.96 -5.63
C GLU A 15 -2.97 1.91 -6.36
N VAL A 16 -1.87 2.44 -5.80
CA VAL A 16 -0.59 2.39 -6.44
C VAL A 16 0.00 1.03 -6.32
N CYS A 17 -0.44 0.25 -5.32
CA CYS A 17 0.09 -1.04 -5.03
C CYS A 17 -0.86 -2.18 -5.09
N ASP A 18 -2.05 -2.19 -4.46
CA ASP A 18 -2.82 -3.39 -4.37
C ASP A 18 -4.07 -3.25 -5.23
N GLU A 1 4.81 -3.49 -6.60
CA GLU A 1 5.05 -3.95 -5.21
C GLU A 1 5.86 -2.99 -4.42
N GLY A 2 5.23 -2.02 -3.73
CA GLY A 2 5.92 -1.25 -2.74
C GLY A 2 5.27 -1.29 -1.40
N CYS A 3 3.95 -1.05 -1.21
CA CYS A 3 3.47 -0.98 0.14
C CYS A 3 2.36 -1.92 0.43
N CYS A 4 1.96 -2.79 -0.51
CA CYS A 4 0.95 -3.79 -0.37
C CYS A 4 1.54 -4.92 0.40
N SER A 5 1.62 -4.71 1.73
CA SER A 5 2.31 -5.53 2.68
C SER A 5 1.97 -5.08 4.05
N ASN A 6 2.36 -3.85 4.45
CA ASN A 6 2.10 -3.31 5.75
C ASN A 6 0.79 -2.61 5.73
N PRO A 7 -0.15 -2.75 6.61
CA PRO A 7 -1.43 -2.14 6.48
C PRO A 7 -1.50 -0.68 6.80
N ALA A 8 -0.39 0.08 6.80
CA ALA A 8 -0.39 1.50 7.01
C ALA A 8 0.13 2.26 5.84
N CYS A 9 1.17 1.79 5.12
CA CYS A 9 1.67 2.49 3.97
C CYS A 9 0.77 2.27 2.81
N ARG A 10 0.15 1.07 2.76
CA ARG A 10 -0.79 0.65 1.77
C ARG A 10 -2.00 1.54 1.81
N THR A 11 -2.61 1.65 3.00
CA THR A 11 -3.84 2.30 3.33
C THR A 11 -3.80 3.78 3.18
N ASN A 12 -2.62 4.31 2.81
CA ASN A 12 -2.39 5.71 2.60
C ASN A 12 -2.18 6.02 1.16
N HIS A 13 -1.82 5.07 0.29
CA HIS A 13 -1.96 5.24 -1.12
C HIS A 13 -2.37 3.95 -1.75
N PRO A 14 -3.53 3.37 -1.70
CA PRO A 14 -3.61 1.99 -2.05
C PRO A 14 -3.54 1.74 -3.51
N GLU A 15 -3.82 2.74 -4.36
CA GLU A 15 -3.82 2.70 -5.79
C GLU A 15 -2.45 2.53 -6.36
N VAL A 16 -1.38 2.73 -5.58
CA VAL A 16 -0.04 2.47 -6.01
C VAL A 16 0.24 1.01 -6.04
N CYS A 17 -0.38 0.22 -5.13
CA CYS A 17 -0.03 -1.15 -4.92
C CYS A 17 -1.05 -2.20 -5.18
N ASP A 18 -2.33 -2.07 -4.77
CA ASP A 18 -3.31 -3.09 -4.94
C ASP A 18 -3.98 -2.99 -6.30
N GLU A 1 4.52 -1.30 -5.62
CA GLU A 1 5.47 -2.44 -5.50
C GLU A 1 5.63 -3.08 -4.17
N GLY A 2 5.96 -2.32 -3.11
CA GLY A 2 6.21 -2.89 -1.82
C GLY A 2 5.30 -2.40 -0.75
N CYS A 3 4.32 -1.50 -0.99
CA CYS A 3 3.54 -1.03 0.11
C CYS A 3 2.32 -1.85 0.34
N CYS A 4 1.97 -2.76 -0.60
CA CYS A 4 0.87 -3.66 -0.58
C CYS A 4 1.46 -4.90 0.02
N SER A 5 1.33 -5.00 1.35
CA SER A 5 1.91 -5.97 2.22
C SER A 5 1.80 -5.56 3.65
N ASN A 6 1.96 -4.26 3.99
CA ASN A 6 1.90 -3.79 5.34
C ASN A 6 0.83 -2.76 5.33
N PRO A 7 -0.18 -2.69 6.16
CA PRO A 7 -1.39 -1.99 5.85
C PRO A 7 -1.25 -0.50 5.86
N ALA A 8 -0.08 -0.03 6.35
CA ALA A 8 0.18 1.28 6.87
C ALA A 8 0.80 2.18 5.86
N CYS A 9 1.52 1.64 4.86
CA CYS A 9 1.86 2.40 3.70
C CYS A 9 0.73 2.31 2.73
N ARG A 10 0.09 1.13 2.56
CA ARG A 10 -0.97 0.88 1.62
C ARG A 10 -2.09 1.85 1.75
N THR A 11 -2.67 2.00 2.95
CA THR A 11 -3.80 2.80 3.30
C THR A 11 -3.75 4.24 2.92
N ASN A 12 -2.52 4.73 2.66
CA ASN A 12 -2.25 6.10 2.40
C ASN A 12 -2.44 6.37 0.94
N HIS A 13 -2.52 5.32 0.11
CA HIS A 13 -2.66 5.44 -1.31
C HIS A 13 -2.93 4.08 -1.87
N PRO A 14 -3.99 3.36 -1.74
CA PRO A 14 -3.88 1.95 -2.01
C PRO A 14 -3.69 1.59 -3.43
N GLU A 15 -3.99 2.49 -4.40
CA GLU A 15 -3.84 2.28 -5.80
C GLU A 15 -2.42 2.22 -6.24
N VAL A 16 -1.45 2.72 -5.45
CA VAL A 16 -0.05 2.59 -5.75
C VAL A 16 0.37 1.16 -5.76
N CYS A 17 -0.34 0.31 -5.01
CA CYS A 17 0.04 -1.05 -4.80
C CYS A 17 -0.94 -2.17 -4.94
N ASP A 18 -2.23 -2.06 -4.56
CA ASP A 18 -3.23 -3.08 -4.55
C ASP A 18 -3.22 -3.78 -3.19
N GLU A 1 4.43 -3.93 -6.32
CA GLU A 1 5.04 -2.76 -5.67
C GLU A 1 5.42 -3.10 -4.26
N GLY A 2 5.56 -2.13 -3.35
CA GLY A 2 6.12 -2.41 -2.06
C GLY A 2 5.24 -2.08 -0.90
N CYS A 3 4.15 -1.30 -1.01
CA CYS A 3 3.41 -0.99 0.18
C CYS A 3 2.20 -1.84 0.36
N CYS A 4 1.92 -2.80 -0.53
CA CYS A 4 0.77 -3.65 -0.40
C CYS A 4 1.17 -4.84 0.41
N SER A 5 1.35 -4.62 1.72
CA SER A 5 1.83 -5.61 2.63
C SER A 5 1.63 -5.11 4.02
N ASN A 6 2.30 -4.02 4.42
CA ASN A 6 2.17 -3.42 5.72
C ASN A 6 0.94 -2.57 5.77
N PRO A 7 -0.06 -2.71 6.59
CA PRO A 7 -1.18 -1.81 6.58
C PRO A 7 -0.92 -0.50 7.24
N ALA A 8 0.29 0.04 7.04
CA ALA A 8 0.77 1.32 7.48
C ALA A 8 1.08 2.24 6.35
N CYS A 9 1.56 1.75 5.19
CA CYS A 9 1.71 2.52 4.00
C CYS A 9 0.56 2.33 3.07
N ARG A 10 0.00 1.11 2.96
CA ARG A 10 -0.96 0.74 1.97
C ARG A 10 -2.15 1.64 1.96
N THR A 11 -2.84 1.78 3.11
CA THR A 11 -4.09 2.44 3.35
C THR A 11 -4.09 3.91 3.13
N ASN A 12 -2.93 4.49 2.77
CA ASN A 12 -2.75 5.88 2.55
C ASN A 12 -2.53 6.20 1.12
N HIS A 13 -2.39 5.19 0.24
CA HIS A 13 -2.17 5.38 -1.15
C HIS A 13 -2.46 4.10 -1.86
N PRO A 14 -3.51 3.36 -1.66
CA PRO A 14 -3.46 1.95 -1.94
C PRO A 14 -3.56 1.60 -3.39
N GLU A 15 -3.95 2.54 -4.26
CA GLU A 15 -4.23 2.30 -5.65
C GLU A 15 -2.97 2.23 -6.45
N VAL A 16 -1.83 2.65 -5.87
CA VAL A 16 -0.55 2.46 -6.49
C VAL A 16 -0.13 1.03 -6.47
N CYS A 17 -0.19 0.35 -5.31
CA CYS A 17 0.45 -0.93 -5.13
C CYS A 17 -0.37 -2.11 -5.52
N ASP A 18 -1.72 -2.08 -5.45
CA ASP A 18 -2.53 -3.13 -5.97
C ASP A 18 -3.43 -2.50 -7.03
N GLU A 1 4.11 -2.88 -5.60
CA GLU A 1 5.52 -3.30 -5.40
C GLU A 1 5.88 -3.48 -3.96
N GLY A 2 5.97 -2.39 -3.18
CA GLY A 2 6.42 -2.47 -1.82
C GLY A 2 5.43 -2.01 -0.82
N CYS A 3 4.20 -1.59 -1.16
CA CYS A 3 3.38 -1.02 -0.14
C CYS A 3 2.09 -1.74 0.09
N CYS A 4 1.79 -2.81 -0.66
CA CYS A 4 0.60 -3.58 -0.46
C CYS A 4 0.93 -4.78 0.35
N SER A 5 1.34 -4.55 1.60
CA SER A 5 1.78 -5.58 2.50
C SER A 5 1.73 -5.10 3.91
N ASN A 6 2.36 -3.98 4.29
CA ASN A 6 2.25 -3.42 5.61
C ASN A 6 0.98 -2.65 5.69
N PRO A 7 -0.01 -2.82 6.51
CA PRO A 7 -1.18 -1.99 6.47
C PRO A 7 -1.01 -0.64 7.07
N ALA A 8 0.13 0.02 6.82
CA ALA A 8 0.41 1.40 7.07
C ALA A 8 0.78 2.14 5.83
N CYS A 9 1.64 1.62 4.93
CA CYS A 9 1.97 2.30 3.72
C CYS A 9 0.84 2.24 2.75
N ARG A 10 0.08 1.13 2.74
CA ARG A 10 -1.04 0.92 1.87
C ARG A 10 -2.11 1.92 2.12
N THR A 11 -2.54 2.05 3.40
CA THR A 11 -3.77 2.62 3.86
C THR A 11 -3.78 4.11 3.86
N ASN A 12 -2.89 4.71 3.06
CA ASN A 12 -2.88 6.10 2.73
C ASN A 12 -2.95 6.36 1.25
N HIS A 13 -2.83 5.35 0.38
CA HIS A 13 -2.62 5.59 -1.02
C HIS A 13 -2.82 4.36 -1.82
N PRO A 14 -3.78 3.49 -1.63
CA PRO A 14 -3.56 2.10 -1.87
C PRO A 14 -3.49 1.69 -3.30
N GLU A 15 -3.91 2.54 -4.25
CA GLU A 15 -4.11 2.21 -5.63
C GLU A 15 -2.84 1.95 -6.36
N VAL A 16 -1.70 2.48 -5.87
CA VAL A 16 -0.43 2.34 -6.51
C VAL A 16 0.08 0.93 -6.49
N CYS A 17 -0.17 0.16 -5.42
CA CYS A 17 0.41 -1.12 -5.21
C CYS A 17 -0.45 -2.30 -5.48
N ASP A 18 -1.78 -2.16 -5.62
CA ASP A 18 -2.58 -3.23 -6.10
C ASP A 18 -3.74 -2.63 -6.87
N GLU A 1 4.99 -5.71 -4.66
CA GLU A 1 5.64 -4.39 -4.45
C GLU A 1 5.82 -4.11 -2.99
N GLY A 2 6.01 -2.84 -2.59
CA GLY A 2 6.49 -2.54 -1.27
C GLY A 2 5.60 -1.68 -0.45
N CYS A 3 4.38 -1.28 -0.86
CA CYS A 3 3.50 -0.69 0.10
C CYS A 3 2.24 -1.49 0.21
N CYS A 4 1.92 -2.34 -0.78
CA CYS A 4 0.82 -3.25 -0.69
C CYS A 4 1.31 -4.52 -0.06
N SER A 5 1.51 -4.46 1.27
CA SER A 5 2.13 -5.50 2.03
C SER A 5 1.85 -5.32 3.48
N ASN A 6 2.35 -4.23 4.10
CA ASN A 6 2.19 -3.91 5.48
C ASN A 6 1.07 -2.93 5.57
N PRO A 7 0.03 -2.98 6.34
CA PRO A 7 -0.98 -1.96 6.33
C PRO A 7 -0.63 -0.66 6.97
N ALA A 8 0.57 -0.13 6.70
CA ALA A 8 1.06 1.13 7.14
C ALA A 8 1.33 2.07 6.02
N CYS A 9 1.89 1.64 4.88
CA CYS A 9 2.08 2.48 3.73
C CYS A 9 0.91 2.42 2.82
N ARG A 10 0.20 1.27 2.76
CA ARG A 10 -0.89 1.06 1.87
C ARG A 10 -2.02 1.99 2.11
N THR A 11 -2.43 2.11 3.39
CA THR A 11 -3.68 2.54 3.92
C THR A 11 -3.93 4.00 3.84
N ASN A 12 -3.22 4.70 2.94
CA ASN A 12 -3.43 6.07 2.60
C ASN A 12 -3.48 6.32 1.13
N HIS A 13 -3.16 5.35 0.26
CA HIS A 13 -2.98 5.65 -1.13
C HIS A 13 -3.13 4.40 -1.92
N PRO A 14 -4.02 3.48 -1.68
CA PRO A 14 -3.75 2.11 -2.02
C PRO A 14 -3.89 1.78 -3.46
N GLU A 15 -4.35 2.69 -4.33
CA GLU A 15 -4.57 2.49 -5.73
C GLU A 15 -3.29 2.30 -6.47
N VAL A 16 -2.16 2.81 -5.97
CA VAL A 16 -0.89 2.64 -6.61
C VAL A 16 -0.44 1.22 -6.65
N CYS A 17 -0.41 0.53 -5.51
CA CYS A 17 0.33 -0.69 -5.35
C CYS A 17 -0.46 -1.93 -5.61
N ASP A 18 -1.81 -1.90 -5.58
CA ASP A 18 -2.64 -2.93 -6.08
C ASP A 18 -3.47 -2.31 -7.21
N GLU A 1 6.72 -5.16 -4.07
CA GLU A 1 6.81 -3.71 -3.76
C GLU A 1 6.67 -3.47 -2.29
N GLY A 2 7.07 -2.28 -1.80
CA GLY A 2 7.07 -2.02 -0.39
C GLY A 2 5.89 -1.24 0.05
N CYS A 3 4.89 -0.90 -0.79
CA CYS A 3 3.72 -0.29 -0.26
C CYS A 3 2.48 -1.07 -0.54
N CYS A 4 2.64 -2.34 -0.97
CA CYS A 4 1.59 -3.30 -1.10
C CYS A 4 1.80 -4.54 -0.30
N SER A 5 1.74 -4.49 1.04
CA SER A 5 2.06 -5.62 1.86
C SER A 5 1.86 -5.31 3.31
N ASN A 6 2.47 -4.23 3.82
CA ASN A 6 2.27 -3.67 5.11
C ASN A 6 0.93 -3.02 5.13
N PRO A 7 0.05 -3.14 6.07
CA PRO A 7 -1.17 -2.38 6.02
C PRO A 7 -1.06 -0.90 6.07
N ALA A 8 0.15 -0.41 6.40
CA ALA A 8 0.46 0.93 6.78
C ALA A 8 0.75 1.85 5.64
N CYS A 9 1.53 1.45 4.61
CA CYS A 9 1.74 2.30 3.49
C CYS A 9 0.60 2.19 2.55
N ARG A 10 -0.06 1.02 2.53
CA ARG A 10 -1.19 0.64 1.73
C ARG A 10 -2.30 1.63 1.81
N THR A 11 -2.88 1.84 3.00
CA THR A 11 -3.99 2.69 3.32
C THR A 11 -3.83 4.13 2.97
N ASN A 12 -2.57 4.52 2.67
CA ASN A 12 -2.13 5.87 2.51
C ASN A 12 -1.92 6.20 1.08
N HIS A 13 -2.08 5.22 0.16
CA HIS A 13 -1.91 5.43 -1.25
C HIS A 13 -2.54 4.31 -1.99
N PRO A 14 -3.67 3.74 -1.69
CA PRO A 14 -3.91 2.35 -1.99
C PRO A 14 -4.14 2.03 -3.42
N GLU A 15 -4.40 3.01 -4.30
CA GLU A 15 -4.60 2.84 -5.71
C GLU A 15 -3.37 2.35 -6.41
N VAL A 16 -2.16 2.60 -5.89
CA VAL A 16 -0.96 2.20 -6.54
C VAL A 16 -0.52 0.85 -6.08
N CYS A 17 -1.37 0.20 -5.25
CA CYS A 17 -1.18 -1.10 -4.70
C CYS A 17 -2.28 -2.02 -5.09
N ASP A 18 -3.54 -1.89 -4.62
CA ASP A 18 -4.54 -2.89 -4.83
C ASP A 18 -5.57 -2.42 -5.85
N GLU A 1 4.77 -1.51 -6.73
CA GLU A 1 4.43 -2.44 -5.64
C GLU A 1 5.47 -2.43 -4.58
N GLY A 2 5.32 -1.56 -3.56
CA GLY A 2 6.13 -1.68 -2.38
C GLY A 2 5.33 -1.80 -1.14
N CYS A 3 4.04 -1.42 -1.06
CA CYS A 3 3.48 -1.25 0.24
C CYS A 3 2.25 -2.07 0.47
N CYS A 4 1.87 -2.97 -0.46
CA CYS A 4 0.71 -3.78 -0.30
C CYS A 4 1.02 -4.98 0.52
N SER A 5 1.20 -4.76 1.83
CA SER A 5 1.48 -5.79 2.79
C SER A 5 1.31 -5.23 4.16
N ASN A 6 2.09 -4.21 4.57
CA ASN A 6 2.00 -3.59 5.84
C ASN A 6 0.79 -2.72 5.90
N PRO A 7 -0.14 -2.72 6.81
CA PRO A 7 -1.33 -1.94 6.63
C PRO A 7 -1.24 -0.46 6.62
N ALA A 8 -0.09 0.17 6.90
CA ALA A 8 0.01 1.57 7.19
C ALA A 8 0.53 2.40 6.07
N CYS A 9 1.46 1.89 5.23
CA CYS A 9 1.84 2.52 4.01
C CYS A 9 0.79 2.26 2.98
N ARG A 10 0.20 1.06 3.00
CA ARG A 10 -0.79 0.63 2.05
C ARG A 10 -1.98 1.53 2.04
N THR A 11 -2.66 1.73 3.19
CA THR A 11 -3.85 2.49 3.37
C THR A 11 -3.77 3.92 2.94
N ASN A 12 -2.54 4.41 2.74
CA ASN A 12 -2.24 5.79 2.48
C ASN A 12 -2.10 6.06 1.02
N HIS A 13 -1.85 5.04 0.18
CA HIS A 13 -1.72 5.24 -1.23
C HIS A 13 -2.11 3.99 -1.94
N PRO A 14 -3.19 3.32 -1.68
CA PRO A 14 -3.21 1.90 -1.89
C PRO A 14 -3.32 1.50 -3.33
N GLU A 15 -3.78 2.40 -4.22
CA GLU A 15 -4.05 2.10 -5.59
C GLU A 15 -2.80 2.00 -6.39
N VAL A 16 -1.65 2.41 -5.83
CA VAL A 16 -0.39 2.34 -6.50
C VAL A 16 0.23 0.99 -6.31
N CYS A 17 -0.28 0.17 -5.38
CA CYS A 17 0.12 -1.19 -5.20
C CYS A 17 -0.93 -2.20 -5.51
N ASP A 18 -2.19 -2.10 -5.04
CA ASP A 18 -3.24 -3.03 -5.30
C ASP A 18 -3.37 -3.49 -6.74
N GLU A 1 7.63 -3.55 -5.03
CA GLU A 1 6.82 -4.41 -4.14
C GLU A 1 7.07 -4.05 -2.71
N GLY A 2 6.67 -2.83 -2.28
CA GLY A 2 6.97 -2.41 -0.95
C GLY A 2 5.74 -2.06 -0.17
N CYS A 3 4.60 -1.69 -0.77
CA CYS A 3 3.57 -1.13 0.06
C CYS A 3 2.31 -1.94 0.05
N CYS A 4 2.20 -3.00 -0.76
CA CYS A 4 0.94 -3.63 -1.02
C CYS A 4 0.68 -4.74 -0.06
N SER A 5 0.95 -4.51 1.24
CA SER A 5 1.06 -5.58 2.17
C SER A 5 1.20 -5.02 3.56
N ASN A 6 2.20 -4.15 3.80
CA ASN A 6 2.38 -3.49 5.05
C ASN A 6 1.23 -2.58 5.31
N PRO A 7 0.38 -2.64 6.28
CA PRO A 7 -0.88 -1.95 6.21
C PRO A 7 -0.88 -0.46 6.05
N ALA A 8 0.24 0.19 6.43
CA ALA A 8 0.36 1.59 6.71
C ALA A 8 0.84 2.38 5.53
N CYS A 9 1.66 1.79 4.63
CA CYS A 9 1.98 2.44 3.40
C CYS A 9 0.86 2.20 2.45
N ARG A 10 0.25 1.00 2.48
CA ARG A 10 -0.87 0.57 1.70
C ARG A 10 -2.04 1.50 1.83
N THR A 11 -2.61 1.66 3.04
CA THR A 11 -3.86 2.31 3.30
C THR A 11 -3.79 3.80 3.17
N ASN A 12 -2.60 4.29 2.82
CA ASN A 12 -2.30 5.69 2.67
C ASN A 12 -2.46 6.09 1.24
N HIS A 13 -2.44 5.13 0.30
CA HIS A 13 -2.42 5.43 -1.11
C HIS A 13 -2.87 4.24 -1.87
N PRO A 14 -3.89 3.50 -1.54
CA PRO A 14 -3.90 2.10 -1.90
C PRO A 14 -4.23 1.82 -3.32
N GLU A 15 -4.73 2.79 -4.12
CA GLU A 15 -5.07 2.62 -5.50
C GLU A 15 -3.86 2.50 -6.36
N VAL A 16 -2.67 2.96 -5.91
CA VAL A 16 -1.46 2.69 -6.62
C VAL A 16 -0.95 1.32 -6.36
N CYS A 17 -0.90 0.84 -5.10
CA CYS A 17 -0.28 -0.41 -4.80
C CYS A 17 -1.13 -1.57 -5.18
N ASP A 18 -2.40 -1.66 -4.72
CA ASP A 18 -3.23 -2.79 -5.01
C ASP A 18 -3.96 -2.62 -6.33
#